data_4ORD
#
_entry.id   4ORD
#
_cell.length_a   77.064
_cell.length_b   74.350
_cell.length_c   96.590
_cell.angle_alpha   90.00
_cell.angle_beta   93.72
_cell.angle_gamma   90.00
#
_symmetry.space_group_name_H-M   'C 1 2 1'
#
loop_
_entity.id
_entity.type
_entity.pdbx_description
1 polymer 'Thioesterase Superfamily Member 2'
2 water water
#
_entity_poly.entity_id   1
_entity_poly.type   'polypeptide(L)'
_entity_poly.pdbx_seq_one_letter_code
;MASLTLNTVKQIFRAMADSPGFDRVLSKVEVLSAAPGKVVCEMKVEEQHTNRGGTLHGGMTATLVDMISTMAIMYSERGA
PGVSVDMNITYMNAAKIGEDILITAQVLKQGRTLAFATVDLTNKANGKLIAQGRHTKHLGSLEHHHHHH
;
_entity_poly.pdbx_strand_id   A,B,C,D
#
# COMPACT_ATOMS: atom_id res chain seq x y z
N SER A 3 11.06 -7.86 -9.15
CA SER A 3 10.29 -6.70 -8.59
C SER A 3 11.10 -5.93 -7.55
N LEU A 4 10.65 -4.71 -7.25
CA LEU A 4 11.26 -3.92 -6.19
C LEU A 4 10.81 -4.43 -4.82
N THR A 5 11.55 -4.03 -3.78
CA THR A 5 11.20 -4.28 -2.39
C THR A 5 11.40 -2.98 -1.64
N LEU A 6 10.90 -2.90 -0.41
CA LEU A 6 11.14 -1.72 0.43
C LEU A 6 12.63 -1.41 0.55
N ASN A 7 13.43 -2.43 0.87
CA ASN A 7 14.87 -2.27 1.05
C ASN A 7 15.58 -1.81 -0.23
N THR A 8 15.05 -2.21 -1.38
CA THR A 8 15.56 -1.76 -2.69
C THR A 8 15.18 -0.30 -2.96
N VAL A 9 13.96 0.08 -2.59
CA VAL A 9 13.52 1.47 -2.72
C VAL A 9 14.34 2.37 -1.79
N LYS A 10 14.65 1.85 -0.60
CA LYS A 10 15.50 2.53 0.35
C LYS A 10 16.88 2.81 -0.25
N GLN A 11 17.44 1.80 -0.93
CA GLN A 11 18.76 1.90 -1.57
C GLN A 11 18.79 3.00 -2.63
N ILE A 12 17.71 3.09 -3.41
CA ILE A 12 17.54 4.14 -4.41
C ILE A 12 17.54 5.53 -3.76
N PHE A 13 16.81 5.69 -2.66
CA PHE A 13 16.79 6.97 -1.96
C PHE A 13 18.11 7.32 -1.24
N ARG A 14 19.05 6.38 -1.26
CA ARG A 14 20.41 6.69 -0.86
C ARG A 14 21.24 7.05 -2.09
N ALA A 15 20.97 6.38 -3.21
CA ALA A 15 21.74 6.55 -4.45
C ALA A 15 21.18 7.66 -5.35
N MET A 16 19.86 7.71 -5.48
CA MET A 16 19.16 8.80 -6.16
C MET A 16 19.44 10.13 -5.46
N ALA A 17 19.55 10.08 -4.14
CA ALA A 17 19.74 11.27 -3.31
C ALA A 17 21.19 11.75 -3.17
N ASP A 18 22.17 10.85 -3.30
CA ASP A 18 23.56 11.32 -3.34
C ASP A 18 24.09 11.52 -4.76
N SER A 19 23.15 11.72 -5.67
CA SER A 19 23.38 12.16 -7.04
C SER A 19 24.03 13.55 -7.04
N PRO A 20 24.79 13.89 -8.10
CA PRO A 20 25.13 15.30 -8.27
C PRO A 20 23.95 16.08 -8.85
N GLY A 21 22.94 15.35 -9.32
CA GLY A 21 21.77 15.96 -9.95
C GLY A 21 20.80 16.58 -8.96
N PHE A 22 19.67 17.02 -9.46
CA PHE A 22 18.68 17.73 -8.63
C PHE A 22 18.10 16.86 -7.50
N ASP A 23 18.07 15.55 -7.72
CA ASP A 23 17.54 14.59 -6.74
C ASP A 23 18.26 14.63 -5.39
N ARG A 24 19.45 15.24 -5.37
CA ARG A 24 20.20 15.47 -4.13
C ARG A 24 19.38 16.24 -3.08
N VAL A 25 18.41 17.04 -3.53
CA VAL A 25 17.61 17.86 -2.61
C VAL A 25 16.70 16.99 -1.73
N LEU A 26 16.55 15.73 -2.08
CA LEU A 26 15.75 14.79 -1.30
C LEU A 26 16.57 13.86 -0.38
N SER A 27 17.82 14.23 -0.13
CA SER A 27 18.71 13.38 0.67
C SER A 27 18.21 13.09 2.09
N LYS A 28 17.42 14.00 2.66
CA LYS A 28 16.92 13.81 4.03
C LYS A 28 15.64 12.98 4.11
N VAL A 29 15.12 12.58 2.95
CA VAL A 29 13.87 11.82 2.89
C VAL A 29 14.12 10.35 3.25
N GLU A 30 13.29 9.82 4.13
CA GLU A 30 13.35 8.41 4.54
C GLU A 30 12.15 7.67 3.95
N VAL A 31 12.37 6.46 3.45
CA VAL A 31 11.28 5.67 2.90
C VAL A 31 10.75 4.77 4.01
N LEU A 32 9.46 4.87 4.29
CA LEU A 32 8.86 4.08 5.36
C LEU A 32 8.21 2.81 4.85
N SER A 33 7.60 2.90 3.67
CA SER A 33 6.78 1.81 3.16
C SER A 33 6.74 1.84 1.64
N ALA A 34 6.69 0.66 1.06
CA ALA A 34 6.60 0.53 -0.39
C ALA A 34 5.94 -0.77 -0.80
N ALA A 35 5.10 -0.68 -1.82
CA ALA A 35 4.47 -1.84 -2.44
C ALA A 35 4.10 -1.42 -3.84
N PRO A 36 3.69 -2.38 -4.71
CA PRO A 36 3.29 -1.97 -6.05
C PRO A 36 2.26 -0.85 -6.01
N GLY A 37 2.58 0.26 -6.66
CA GLY A 37 1.68 1.40 -6.77
C GLY A 37 1.57 2.33 -5.57
N LYS A 38 2.33 2.09 -4.50
CA LYS A 38 2.28 2.98 -3.34
C LYS A 38 3.58 3.08 -2.56
N VAL A 39 4.04 4.30 -2.32
CA VAL A 39 5.25 4.57 -1.56
C VAL A 39 4.96 5.66 -0.53
N VAL A 40 5.40 5.44 0.70
CA VAL A 40 5.26 6.40 1.78
C VAL A 40 6.63 6.79 2.30
N CYS A 41 6.87 8.09 2.35
CA CYS A 41 8.11 8.65 2.86
C CYS A 41 7.87 9.60 4.02
N GLU A 42 8.95 9.87 4.77
CA GLU A 42 8.90 10.83 5.85
C GLU A 42 10.09 11.78 5.71
N MET A 43 9.88 13.03 6.10
CA MET A 43 10.97 14.01 6.11
C MET A 43 10.72 15.00 7.22
N LYS A 44 11.79 15.38 7.92
CA LYS A 44 11.72 16.51 8.83
C LYS A 44 12.07 17.76 8.04
N VAL A 45 11.21 18.77 8.12
CA VAL A 45 11.47 20.03 7.44
C VAL A 45 12.66 20.73 8.10
N GLU A 46 13.68 21.01 7.31
CA GLU A 46 14.88 21.70 7.80
C GLU A 46 15.07 22.98 7.01
N GLU A 47 15.97 23.85 7.48
CA GLU A 47 16.25 25.12 6.83
C GLU A 47 16.46 24.97 5.32
N GLN A 48 17.21 23.95 4.92
CA GLN A 48 17.51 23.70 3.52
C GLN A 48 16.28 23.45 2.66
N HIS A 49 15.15 23.13 3.30
CA HIS A 49 13.90 22.82 2.60
C HIS A 49 12.93 24.00 2.51
N THR A 50 13.31 25.13 3.09
CA THR A 50 12.39 26.25 3.30
C THR A 50 12.49 27.39 2.28
N ASN A 51 11.41 28.15 2.19
CA ASN A 51 11.43 29.45 1.55
C ASN A 51 11.91 30.51 2.54
N ARG A 52 11.92 31.76 2.09
CA ARG A 52 12.34 32.88 2.92
C ARG A 52 11.38 33.16 4.08
N GLY A 53 10.19 32.55 4.05
CA GLY A 53 9.22 32.68 5.14
C GLY A 53 9.30 31.58 6.19
N GLY A 54 10.34 30.75 6.10
CA GLY A 54 10.59 29.70 7.10
C GLY A 54 9.69 28.48 7.00
N THR A 55 8.95 28.37 5.90
CA THR A 55 8.07 27.22 5.69
C THR A 55 8.55 26.39 4.51
N LEU A 56 8.05 25.15 4.41
CA LEU A 56 8.41 24.25 3.34
C LEU A 56 8.22 24.89 1.96
N HIS A 57 9.31 24.94 1.19
CA HIS A 57 9.31 25.58 -0.12
C HIS A 57 8.39 24.85 -1.10
N GLY A 58 7.58 25.61 -1.84
CA GLY A 58 6.67 25.03 -2.84
C GLY A 58 7.38 24.17 -3.86
N GLY A 59 8.61 24.54 -4.18
CA GLY A 59 9.47 23.81 -5.11
C GLY A 59 9.96 22.49 -4.54
N MET A 60 10.20 22.47 -3.23
CA MET A 60 10.57 21.24 -2.54
C MET A 60 9.35 20.29 -2.53
N THR A 61 8.18 20.84 -2.24
CA THR A 61 6.94 20.07 -2.29
C THR A 61 6.74 19.50 -3.67
N ALA A 62 6.95 20.31 -4.70
CA ALA A 62 6.79 19.80 -6.06
C ALA A 62 7.77 18.68 -6.38
N THR A 63 9.00 18.82 -5.89
CA THR A 63 10.02 17.79 -6.10
C THR A 63 9.63 16.49 -5.40
N LEU A 64 9.09 16.62 -4.19
CA LEU A 64 8.61 15.47 -3.44
C LEU A 64 7.47 14.77 -4.18
N VAL A 65 6.50 15.55 -4.66
CA VAL A 65 5.39 15.01 -5.45
C VAL A 65 5.93 14.28 -6.69
N ASP A 66 6.81 14.95 -7.43
CA ASP A 66 7.40 14.38 -8.64
C ASP A 66 8.09 13.04 -8.35
N MET A 67 9.02 13.03 -7.41
CA MET A 67 9.87 11.87 -7.23
C MET A 67 9.23 10.69 -6.53
N ILE A 68 8.40 10.97 -5.53
CA ILE A 68 7.76 9.90 -4.78
C ILE A 68 6.65 9.25 -5.61
N SER A 69 5.93 10.04 -6.41
CA SER A 69 4.96 9.48 -7.35
C SER A 69 5.67 8.66 -8.43
N THR A 70 6.83 9.13 -8.90
CA THR A 70 7.64 8.37 -9.86
C THR A 70 8.04 7.00 -9.28
N MET A 71 8.47 6.99 -8.02
CA MET A 71 8.81 5.73 -7.35
C MET A 71 7.61 4.78 -7.29
N ALA A 72 6.42 5.30 -7.00
CA ALA A 72 5.24 4.44 -6.92
C ALA A 72 4.88 3.88 -8.30
N ILE A 73 5.05 4.71 -9.32
CA ILE A 73 4.74 4.33 -10.70
C ILE A 73 5.72 3.25 -11.18
N MET A 74 7.01 3.42 -10.85
CA MET A 74 8.06 2.47 -11.21
C MET A 74 7.92 1.12 -10.48
N TYR A 75 7.32 1.14 -9.30
CA TYR A 75 7.06 -0.07 -8.55
C TYR A 75 5.82 -0.74 -9.15
N SER A 76 6.04 -1.45 -10.24
CA SER A 76 4.99 -2.05 -11.06
C SER A 76 5.60 -3.17 -11.87
N GLU A 77 4.74 -4.00 -12.47
CA GLU A 77 5.19 -5.11 -13.30
C GLU A 77 5.98 -4.61 -14.52
N ARG A 78 5.54 -3.49 -15.08
CA ARG A 78 6.23 -2.86 -16.19
C ARG A 78 7.55 -2.22 -15.76
N GLY A 79 7.54 -1.56 -14.62
CA GLY A 79 8.75 -0.93 -14.08
C GLY A 79 9.20 0.33 -14.78
N ALA A 80 8.36 0.88 -15.66
CA ALA A 80 8.64 2.15 -16.31
C ALA A 80 8.46 3.32 -15.34
N PRO A 81 9.50 4.18 -15.19
CA PRO A 81 9.36 5.40 -14.39
C PRO A 81 8.55 6.48 -15.11
N GLY A 82 8.58 6.46 -16.45
CA GLY A 82 7.82 7.41 -17.25
C GLY A 82 8.49 8.77 -17.33
N VAL A 83 7.93 9.64 -18.17
CA VAL A 83 8.39 11.02 -18.25
C VAL A 83 7.20 11.90 -17.90
N SER A 84 7.46 12.98 -17.16
CA SER A 84 6.37 13.84 -16.69
C SER A 84 5.62 14.45 -17.87
N VAL A 85 4.28 14.50 -17.73
CA VAL A 85 3.42 15.21 -18.69
C VAL A 85 2.72 16.39 -18.04
N ASP A 86 2.05 16.12 -16.93
CA ASP A 86 1.33 17.15 -16.17
C ASP A 86 1.52 16.92 -14.69
N MET A 87 1.71 18.02 -13.96
CA MET A 87 1.69 17.97 -12.50
C MET A 87 0.89 19.14 -12.01
N ASN A 88 0.09 18.90 -10.98
CA ASN A 88 -0.61 19.97 -10.31
C ASN A 88 -0.51 19.77 -8.81
N ILE A 89 -0.39 20.88 -8.09
CA ILE A 89 -0.29 20.81 -6.63
C ILE A 89 -1.18 21.90 -6.07
N THR A 90 -1.96 21.52 -5.07
CA THR A 90 -2.74 22.45 -4.29
C THR A 90 -2.12 22.52 -2.90
N TYR A 91 -1.86 23.75 -2.44
CA TYR A 91 -1.20 23.99 -1.18
C TYR A 91 -2.24 24.46 -0.17
N MET A 92 -2.33 23.76 0.95
CA MET A 92 -3.42 24.01 1.90
C MET A 92 -2.98 24.47 3.28
N ASN A 93 -1.88 23.91 3.78
CA ASN A 93 -1.36 24.26 5.09
C ASN A 93 0.15 24.38 5.01
N ALA A 94 0.70 25.41 5.64
CA ALA A 94 2.13 25.59 5.71
C ALA A 94 2.75 24.51 6.58
N ALA A 95 3.94 24.05 6.19
CA ALA A 95 4.73 23.14 7.02
C ALA A 95 5.97 23.91 7.47
N LYS A 96 6.16 24.01 8.78
CA LYS A 96 7.24 24.82 9.36
C LYS A 96 8.49 23.99 9.63
N ILE A 97 9.63 24.67 9.83
CA ILE A 97 10.87 24.02 10.24
C ILE A 97 10.65 23.17 11.49
N GLY A 98 11.18 21.96 11.46
CA GLY A 98 11.13 21.07 12.63
C GLY A 98 9.98 20.07 12.54
N GLU A 99 9.02 20.39 11.68
CA GLU A 99 7.83 19.57 11.51
C GLU A 99 8.18 18.31 10.72
N ASP A 100 7.63 17.19 11.15
CA ASP A 100 7.78 15.93 10.44
C ASP A 100 6.60 15.76 9.51
N ILE A 101 6.89 15.47 8.25
CA ILE A 101 5.85 15.33 7.24
C ILE A 101 5.86 13.92 6.65
N LEU A 102 4.68 13.45 6.26
CA LEU A 102 4.57 12.21 5.51
C LEU A 102 4.23 12.55 4.08
N ILE A 103 4.87 11.86 3.14
CA ILE A 103 4.57 12.01 1.73
C ILE A 103 4.08 10.68 1.23
N THR A 104 2.84 10.65 0.76
CA THR A 104 2.16 9.40 0.43
C THR A 104 1.72 9.43 -1.02
N ALA A 105 2.34 8.59 -1.85
CA ALA A 105 2.00 8.53 -3.28
C ALA A 105 1.28 7.23 -3.62
N GLN A 106 0.12 7.37 -4.27
CA GLN A 106 -0.69 6.23 -4.66
C GLN A 106 -0.99 6.33 -6.14
N VAL A 107 -0.63 5.27 -6.87
CA VAL A 107 -0.95 5.20 -8.29
C VAL A 107 -2.46 4.97 -8.43
N LEU A 108 -3.06 5.77 -9.30
CA LEU A 108 -4.49 5.70 -9.62
C LEU A 108 -4.81 4.81 -10.81
N LYS A 109 -3.90 4.82 -11.80
CA LYS A 109 -4.03 3.98 -12.99
C LYS A 109 -2.69 3.82 -13.67
N GLN A 110 -2.38 2.59 -14.07
CA GLN A 110 -1.28 2.28 -14.98
C GLN A 110 -1.91 1.83 -16.28
N GLY A 111 -1.84 2.69 -17.30
CA GLY A 111 -2.38 2.35 -18.61
C GLY A 111 -1.31 1.83 -19.55
N ARG A 112 -1.69 1.56 -20.78
CA ARG A 112 -0.75 1.14 -21.82
C ARG A 112 0.36 2.17 -22.00
N THR A 113 0.02 3.45 -21.97
CA THR A 113 1.00 4.50 -22.26
C THR A 113 1.07 5.65 -21.23
N LEU A 114 0.09 5.70 -20.32
CA LEU A 114 0.00 6.77 -19.32
C LEU A 114 -0.13 6.20 -17.92
N ALA A 115 0.49 6.84 -16.95
CA ALA A 115 0.34 6.47 -15.56
C ALA A 115 -0.08 7.71 -14.78
N PHE A 116 -0.92 7.51 -13.78
CA PHE A 116 -1.50 8.62 -13.02
C PHE A 116 -1.32 8.32 -11.55
N ALA A 117 -0.85 9.30 -10.78
CA ALA A 117 -0.66 9.12 -9.35
C ALA A 117 -1.09 10.36 -8.59
N THR A 118 -1.59 10.14 -7.38
CA THR A 118 -1.89 11.22 -6.47
C THR A 118 -0.89 11.18 -5.32
N VAL A 119 -0.61 12.33 -4.74
CA VAL A 119 0.36 12.43 -3.67
C VAL A 119 -0.21 13.32 -2.58
N ASP A 120 -0.16 12.86 -1.34
CA ASP A 120 -0.54 13.68 -0.18
C ASP A 120 0.71 14.01 0.59
N LEU A 121 0.87 15.26 1.01
CA LEU A 121 1.85 15.59 2.06
C LEU A 121 1.05 15.94 3.29
N THR A 122 1.35 15.30 4.41
CA THR A 122 0.63 15.56 5.66
C THR A 122 1.56 15.83 6.82
N ASN A 123 1.06 16.60 7.78
CA ASN A 123 1.77 16.77 9.04
C ASN A 123 1.67 15.44 9.78
N LYS A 124 2.82 14.87 10.12
CA LYS A 124 2.85 13.54 10.72
C LYS A 124 2.14 13.51 12.06
N ALA A 125 2.31 14.59 12.84
CA ALA A 125 1.82 14.68 14.22
C ALA A 125 0.31 14.84 14.37
N ASN A 126 -0.34 15.48 13.39
CA ASN A 126 -1.79 15.71 13.48
C ASN A 126 -2.58 15.24 12.25
N GLY A 127 -1.88 14.81 11.21
CA GLY A 127 -2.51 14.27 10.01
C GLY A 127 -3.08 15.31 9.06
N LYS A 128 -2.89 16.59 9.38
CA LYS A 128 -3.42 17.68 8.56
CA LYS A 128 -3.43 17.67 8.55
C LYS A 128 -2.73 17.73 7.19
N LEU A 129 -3.52 18.02 6.16
CA LEU A 129 -3.03 18.05 4.80
C LEU A 129 -2.21 19.31 4.51
N ILE A 130 -0.95 19.11 4.13
CA ILE A 130 -0.06 20.21 3.73
C ILE A 130 -0.31 20.57 2.27
N ALA A 131 -0.34 19.55 1.42
CA ALA A 131 -0.51 19.74 0.00
C ALA A 131 -1.02 18.46 -0.61
N GLN A 132 -1.68 18.58 -1.76
CA GLN A 132 -2.03 17.42 -2.53
C GLN A 132 -1.70 17.69 -3.99
N GLY A 133 -1.08 16.69 -4.60
CA GLY A 133 -0.65 16.78 -5.99
C GLY A 133 -1.18 15.63 -6.81
N ARG A 134 -1.25 15.86 -8.13
CA ARG A 134 -1.51 14.78 -9.08
C ARG A 134 -0.47 14.87 -10.17
N HIS A 135 -0.04 13.71 -10.65
CA HIS A 135 1.08 13.61 -11.57
C HIS A 135 0.71 12.61 -12.64
N THR A 136 0.77 13.05 -13.90
CA THR A 136 0.54 12.20 -15.04
C THR A 136 1.86 12.03 -15.76
N LYS A 137 2.20 10.78 -16.07
CA LYS A 137 3.45 10.49 -16.76
C LYS A 137 3.22 9.64 -17.99
N HIS A 138 4.08 9.81 -18.97
CA HIS A 138 4.00 9.08 -20.22
C HIS A 138 4.98 7.92 -20.16
N LEU A 139 4.47 6.73 -20.43
CA LEU A 139 5.27 5.51 -20.32
C LEU A 139 5.81 5.04 -21.66
N GLY A 140 5.12 5.37 -22.75
CA GLY A 140 5.50 4.95 -24.11
C GLY A 140 6.89 5.39 -24.54
N SER B 3 -16.22 2.77 2.00
CA SER B 3 -14.92 2.10 2.32
C SER B 3 -14.06 2.92 3.29
N LEU B 4 -13.10 2.27 3.92
CA LEU B 4 -12.22 2.91 4.89
C LEU B 4 -11.27 3.92 4.24
N THR B 5 -10.77 4.85 5.05
CA THR B 5 -9.69 5.76 4.66
C THR B 5 -8.64 5.72 5.76
N LEU B 6 -7.50 6.35 5.53
CA LEU B 6 -6.47 6.46 6.55
C LEU B 6 -6.99 7.14 7.83
N ASN B 7 -7.66 8.28 7.67
CA ASN B 7 -8.24 8.99 8.81
C ASN B 7 -9.28 8.15 9.56
N THR B 8 -10.02 7.33 8.81
CA THR B 8 -11.00 6.41 9.38
C THR B 8 -10.31 5.29 10.16
N VAL B 9 -9.19 4.79 9.64
CA VAL B 9 -8.39 3.79 10.35
C VAL B 9 -7.78 4.43 11.60
N LYS B 10 -7.32 5.67 11.46
CA LYS B 10 -6.80 6.44 12.59
C LYS B 10 -7.83 6.53 13.71
N GLN B 11 -9.10 6.80 13.34
CA GLN B 11 -10.20 6.92 14.31
C GLN B 11 -10.41 5.62 15.09
N ILE B 12 -10.22 4.50 14.41
CA ILE B 12 -10.29 3.17 15.04
C ILE B 12 -9.20 3.00 16.11
N PHE B 13 -7.97 3.40 15.80
CA PHE B 13 -6.87 3.28 16.76
C PHE B 13 -6.93 4.27 17.93
N ARG B 14 -7.91 5.16 17.92
CA ARG B 14 -8.24 5.94 19.09
C ARG B 14 -9.35 5.21 19.85
N ALA B 15 -10.33 4.70 19.10
CA ALA B 15 -11.51 4.02 19.66
C ALA B 15 -11.22 2.58 20.05
N MET B 16 -10.49 1.86 19.19
CA MET B 16 -9.99 0.53 19.49
C MET B 16 -8.62 0.62 20.16
N ALA B 17 -8.56 1.48 21.18
CA ALA B 17 -7.35 1.67 21.98
C ALA B 17 -7.69 2.29 23.33
N ASP B 18 -8.78 3.05 23.38
CA ASP B 18 -9.30 3.53 24.66
C ASP B 18 -10.24 2.48 25.26
N SER B 19 -10.58 1.49 24.45
CA SER B 19 -11.36 0.31 24.88
C SER B 19 -10.91 -0.23 26.24
N PRO B 20 -11.87 -0.70 27.06
CA PRO B 20 -11.53 -1.40 28.30
C PRO B 20 -10.94 -2.79 28.04
N GLY B 21 -11.12 -3.28 26.81
CA GLY B 21 -10.62 -4.59 26.41
C GLY B 21 -9.11 -4.62 26.23
N PHE B 22 -8.61 -5.77 25.79
CA PHE B 22 -7.17 -5.98 25.63
C PHE B 22 -6.54 -5.03 24.61
N ASP B 23 -7.34 -4.58 23.64
CA ASP B 23 -6.87 -3.65 22.62
C ASP B 23 -6.29 -2.36 23.18
N ARG B 24 -6.61 -2.06 24.44
CA ARG B 24 -6.03 -0.92 25.16
C ARG B 24 -4.50 -0.90 25.13
N VAL B 25 -3.88 -2.07 25.03
CA VAL B 25 -2.42 -2.17 25.06
C VAL B 25 -1.75 -1.55 23.84
N LEU B 26 -2.53 -1.29 22.79
CA LEU B 26 -2.04 -0.66 21.56
C LEU B 26 -2.30 0.85 21.50
N SER B 27 -2.69 1.44 22.63
CA SER B 27 -3.03 2.87 22.67
C SER B 27 -1.93 3.80 22.15
N LYS B 28 -0.67 3.39 22.29
CA LYS B 28 0.46 4.22 21.86
C LYS B 28 0.77 4.12 20.36
N VAL B 29 0.10 3.21 19.67
CA VAL B 29 0.36 2.95 18.26
C VAL B 29 -0.26 4.03 17.36
N GLU B 30 0.53 4.55 16.42
CA GLU B 30 0.06 5.56 15.46
CA GLU B 30 0.04 5.54 15.46
C GLU B 30 -0.04 4.94 14.07
N VAL B 31 -1.09 5.31 13.33
CA VAL B 31 -1.26 4.79 11.98
C VAL B 31 -0.63 5.75 10.99
N LEU B 32 0.31 5.26 10.20
CA LEU B 32 1.00 6.12 9.23
C LEU B 32 0.39 6.04 7.85
N SER B 33 -0.12 4.87 7.49
CA SER B 33 -0.56 4.63 6.13
C SER B 33 -1.60 3.53 6.10
N ALA B 34 -2.57 3.67 5.20
CA ALA B 34 -3.55 2.62 4.99
C ALA B 34 -4.12 2.65 3.59
N ALA B 35 -4.31 1.46 3.05
CA ALA B 35 -4.98 1.25 1.77
C ALA B 35 -5.54 -0.16 1.79
N PRO B 36 -6.43 -0.50 0.83
CA PRO B 36 -6.91 -1.88 0.78
C PRO B 36 -5.75 -2.87 0.85
N GLY B 37 -5.82 -3.77 1.83
CA GLY B 37 -4.81 -4.82 1.98
C GLY B 37 -3.52 -4.45 2.69
N LYS B 38 -3.35 -3.19 3.06
CA LYS B 38 -2.08 -2.77 3.67
C LYS B 38 -2.20 -1.63 4.67
N VAL B 39 -1.69 -1.88 5.87
CA VAL B 39 -1.67 -0.89 6.96
C VAL B 39 -0.26 -0.80 7.55
N VAL B 40 0.21 0.41 7.77
CA VAL B 40 1.53 0.66 8.36
C VAL B 40 1.36 1.51 9.60
N CYS B 41 1.92 1.03 10.71
CA CYS B 41 1.87 1.71 11.99
C CYS B 41 3.27 1.98 12.53
N GLU B 42 3.35 2.92 13.46
CA GLU B 42 4.59 3.22 14.17
C GLU B 42 4.33 3.18 15.67
N MET B 43 5.34 2.77 16.43
CA MET B 43 5.25 2.81 17.88
C MET B 43 6.63 3.04 18.48
N LYS B 44 6.69 3.87 19.50
CA LYS B 44 7.90 3.99 20.30
C LYS B 44 7.78 3.01 21.46
N VAL B 45 8.76 2.10 21.56
CA VAL B 45 8.79 1.13 22.66
C VAL B 45 8.99 1.83 24.00
N GLU B 46 7.99 1.69 24.86
CA GLU B 46 8.03 2.26 26.21
C GLU B 46 8.06 1.13 27.24
N GLU B 47 8.27 1.48 28.51
CA GLU B 47 8.31 0.48 29.59
C GLU B 47 7.10 -0.46 29.55
N GLN B 48 5.90 0.11 29.38
CA GLN B 48 4.65 -0.67 29.36
C GLN B 48 4.60 -1.76 28.27
N HIS B 49 5.50 -1.69 27.30
CA HIS B 49 5.49 -2.64 26.18
C HIS B 49 6.49 -3.77 26.35
N THR B 50 7.27 -3.73 27.43
CA THR B 50 8.47 -4.55 27.56
C THR B 50 8.35 -5.74 28.52
N ASN B 51 9.22 -6.72 28.30
CA ASN B 51 9.41 -7.84 29.23
C ASN B 51 10.32 -7.41 30.38
N ARG B 52 10.60 -8.32 31.32
CA ARG B 52 11.50 -8.03 32.45
C ARG B 52 12.89 -7.57 31.98
N GLY B 53 13.34 -8.12 30.85
CA GLY B 53 14.64 -7.76 30.27
C GLY B 53 14.68 -6.41 29.59
N GLY B 54 13.54 -5.71 29.57
CA GLY B 54 13.48 -4.34 29.07
C GLY B 54 13.45 -4.21 27.56
N THR B 55 13.10 -5.29 26.87
CA THR B 55 12.89 -5.23 25.43
C THR B 55 11.44 -5.54 25.08
N LEU B 56 11.05 -5.20 23.86
CA LEU B 56 9.69 -5.43 23.37
C LEU B 56 9.20 -6.84 23.67
N HIS B 57 8.11 -6.94 24.43
CA HIS B 57 7.56 -8.21 24.87
C HIS B 57 7.01 -8.99 23.68
N GLY B 58 7.32 -10.28 23.60
CA GLY B 58 6.81 -11.13 22.52
C GLY B 58 5.30 -11.16 22.40
N GLY B 59 4.62 -10.98 23.53
CA GLY B 59 3.16 -10.92 23.59
C GLY B 59 2.62 -9.62 23.01
N MET B 60 3.37 -8.54 23.23
CA MET B 60 3.08 -7.25 22.62
C MET B 60 3.27 -7.33 21.10
N THR B 61 4.39 -7.92 20.68
CA THR B 61 4.63 -8.17 19.25
C THR B 61 3.47 -8.99 18.67
N ALA B 62 3.05 -10.02 19.39
CA ALA B 62 1.94 -10.85 18.91
C ALA B 62 0.65 -10.06 18.77
N THR B 63 0.38 -9.17 19.73
CA THR B 63 -0.83 -8.34 19.72
C THR B 63 -0.80 -7.39 18.52
N LEU B 64 0.36 -6.78 18.29
CA LEU B 64 0.60 -5.93 17.12
C LEU B 64 0.34 -6.68 15.81
N VAL B 65 0.93 -7.87 15.68
CA VAL B 65 0.72 -8.69 14.47
C VAL B 65 -0.78 -8.98 14.29
N ASP B 66 -1.44 -9.41 15.37
CA ASP B 66 -2.84 -9.79 15.33
C ASP B 66 -3.71 -8.62 14.87
N MET B 67 -3.55 -7.48 15.52
CA MET B 67 -4.45 -6.37 15.29
C MET B 67 -4.19 -5.57 14.03
N ILE B 68 -2.93 -5.41 13.67
CA ILE B 68 -2.61 -4.63 12.49
C ILE B 68 -2.91 -5.45 11.22
N SER B 69 -2.69 -6.76 11.27
CA SER B 69 -3.12 -7.63 10.17
C SER B 69 -4.64 -7.63 10.02
N THR B 70 -5.36 -7.61 11.15
CA THR B 70 -6.81 -7.54 11.12
C THR B 70 -7.30 -6.25 10.44
N MET B 71 -6.69 -5.12 10.78
CA MET B 71 -6.99 -3.86 10.10
C MET B 71 -6.81 -3.95 8.57
N ALA B 72 -5.72 -4.57 8.14
CA ALA B 72 -5.42 -4.69 6.71
C ALA B 72 -6.45 -5.59 6.01
N ILE B 73 -6.83 -6.65 6.71
CA ILE B 73 -7.83 -7.60 6.20
C ILE B 73 -9.20 -6.94 6.07
N MET B 74 -9.56 -6.14 7.07
CA MET B 74 -10.84 -5.44 7.11
C MET B 74 -10.93 -4.34 6.05
N TYR B 75 -9.76 -3.79 5.68
CA TYR B 75 -9.71 -2.77 4.64
C TYR B 75 -9.77 -3.49 3.29
N SER B 76 -11.00 -3.77 2.87
CA SER B 76 -11.29 -4.59 1.71
C SER B 76 -12.74 -4.37 1.30
N GLU B 77 -13.08 -4.80 0.08
CA GLU B 77 -14.44 -4.71 -0.44
CA GLU B 77 -14.44 -4.69 -0.42
C GLU B 77 -15.44 -5.36 0.52
N ARG B 78 -15.11 -6.56 0.97
CA ARG B 78 -15.96 -7.33 1.88
C ARG B 78 -16.05 -6.68 3.25
N GLY B 79 -14.93 -6.20 3.76
CA GLY B 79 -14.85 -5.53 5.06
C GLY B 79 -14.98 -6.43 6.29
N ALA B 80 -14.81 -7.74 6.10
CA ALA B 80 -14.84 -8.69 7.20
C ALA B 80 -13.50 -8.68 7.96
N PRO B 81 -13.55 -8.50 9.30
CA PRO B 81 -12.30 -8.57 10.08
C PRO B 81 -11.81 -10.02 10.25
N GLY B 82 -12.73 -10.97 10.19
CA GLY B 82 -12.41 -12.40 10.32
C GLY B 82 -12.18 -12.82 11.76
N VAL B 83 -12.06 -14.13 11.98
CA VAL B 83 -11.67 -14.67 13.29
C VAL B 83 -10.34 -15.41 13.11
N SER B 84 -9.44 -15.24 14.07
CA SER B 84 -8.12 -15.88 14.00
C SER B 84 -8.24 -17.39 13.91
N VAL B 85 -7.45 -17.98 13.02
CA VAL B 85 -7.33 -19.43 12.90
C VAL B 85 -5.92 -19.85 13.31
N ASP B 86 -4.93 -19.21 12.69
CA ASP B 86 -3.53 -19.51 12.94
C ASP B 86 -2.73 -18.22 12.94
N MET B 87 -1.75 -18.14 13.83
CA MET B 87 -0.78 -17.07 13.81
C MET B 87 0.57 -17.67 14.11
N ASN B 88 1.59 -17.24 13.38
CA ASN B 88 2.98 -17.60 13.72
C ASN B 88 3.84 -16.36 13.72
N ILE B 89 4.82 -16.32 14.61
CA ILE B 89 5.73 -15.19 14.67
C ILE B 89 7.14 -15.72 14.85
N THR B 90 8.07 -15.19 14.07
CA THR B 90 9.49 -15.47 14.23
C THR B 90 10.14 -14.21 14.78
N TYR B 91 10.93 -14.36 15.84
CA TYR B 91 11.59 -13.23 16.50
C TYR B 91 13.06 -13.23 16.12
N MET B 92 13.54 -12.10 15.62
CA MET B 92 14.91 -12.04 15.09
C MET B 92 15.83 -11.06 15.78
N ASN B 93 15.30 -9.91 16.17
CA ASN B 93 16.08 -8.87 16.85
C ASN B 93 15.27 -8.28 17.99
N ALA B 94 15.96 -7.94 19.07
CA ALA B 94 15.32 -7.30 20.20
C ALA B 94 15.06 -5.82 19.88
N ALA B 95 13.97 -5.29 20.41
CA ALA B 95 13.70 -3.85 20.33
C ALA B 95 13.73 -3.25 21.74
N LYS B 96 14.68 -2.36 21.98
CA LYS B 96 14.88 -1.75 23.30
C LYS B 96 13.92 -0.58 23.54
N ILE B 97 13.73 -0.25 24.81
CA ILE B 97 13.00 0.97 25.20
C ILE B 97 13.59 2.18 24.48
N GLY B 98 12.73 3.01 23.91
CA GLY B 98 13.16 4.22 23.23
C GLY B 98 13.25 4.07 21.72
N GLU B 99 13.38 2.85 21.24
CA GLU B 99 13.43 2.58 19.81
C GLU B 99 12.04 2.79 19.22
N ASP B 100 11.97 3.40 18.04
CA ASP B 100 10.72 3.45 17.28
C ASP B 100 10.68 2.32 16.30
N ILE B 101 9.51 1.70 16.18
CA ILE B 101 9.33 0.53 15.35
C ILE B 101 8.25 0.81 14.32
N LEU B 102 8.38 0.19 13.16
CA LEU B 102 7.31 0.20 12.16
C LEU B 102 6.67 -1.17 12.13
N ILE B 103 5.34 -1.19 12.05
CA ILE B 103 4.61 -2.45 11.91
C ILE B 103 3.86 -2.39 10.59
N THR B 104 4.24 -3.27 9.68
CA THR B 104 3.72 -3.25 8.31
C THR B 104 2.94 -4.53 8.01
N ALA B 105 1.62 -4.42 7.86
CA ALA B 105 0.78 -5.56 7.53
C ALA B 105 0.35 -5.53 6.07
N GLN B 106 0.60 -6.63 5.36
CA GLN B 106 0.21 -6.77 3.97
C GLN B 106 -0.64 -8.03 3.82
N VAL B 107 -1.84 -7.88 3.24
CA VAL B 107 -2.69 -9.02 2.93
C VAL B 107 -2.11 -9.77 1.72
N LEU B 108 -2.01 -11.08 1.83
CA LEU B 108 -1.48 -11.93 0.76
C LEU B 108 -2.56 -12.52 -0.13
N LYS B 109 -3.73 -12.78 0.45
CA LYS B 109 -4.88 -13.28 -0.29
C LYS B 109 -6.15 -13.09 0.52
N GLN B 110 -7.19 -12.61 -0.15
CA GLN B 110 -8.56 -12.59 0.39
C GLN B 110 -9.34 -13.66 -0.37
N GLY B 111 -9.59 -14.78 0.28
CA GLY B 111 -10.32 -15.88 -0.34
C GLY B 111 -11.79 -15.75 -0.06
N ARG B 112 -12.55 -16.74 -0.49
CA ARG B 112 -13.99 -16.76 -0.24
C ARG B 112 -14.33 -16.94 1.24
N THR B 113 -13.49 -17.67 1.97
CA THR B 113 -13.71 -17.89 3.41
C THR B 113 -12.47 -17.69 4.30
N LEU B 114 -11.30 -17.51 3.68
CA LEU B 114 -10.06 -17.33 4.43
C LEU B 114 -9.30 -16.10 3.96
N ALA B 115 -8.68 -15.39 4.90
CA ALA B 115 -7.76 -14.29 4.58
C ALA B 115 -6.41 -14.56 5.22
N PHE B 116 -5.35 -14.16 4.51
CA PHE B 116 -3.99 -14.42 4.94
C PHE B 116 -3.22 -13.11 4.87
N ALA B 117 -2.42 -12.83 5.88
CA ALA B 117 -1.66 -11.59 5.92
C ALA B 117 -0.30 -11.84 6.54
N THR B 118 0.67 -11.06 6.08
CA THR B 118 2.01 -11.09 6.64
C THR B 118 2.26 -9.78 7.35
N VAL B 119 3.07 -9.82 8.40
CA VAL B 119 3.40 -8.61 9.16
C VAL B 119 4.90 -8.55 9.45
N ASP B 120 5.50 -7.40 9.14
CA ASP B 120 6.89 -7.12 9.50
C ASP B 120 6.91 -6.11 10.64
N LEU B 121 7.74 -6.35 11.64
CA LEU B 121 8.08 -5.31 12.62
C LEU B 121 9.54 -4.98 12.40
N THR B 122 9.84 -3.70 12.19
CA THR B 122 11.22 -3.27 11.93
C THR B 122 11.63 -2.10 12.81
N ASN B 123 12.93 -2.00 13.07
CA ASN B 123 13.49 -0.81 13.69
C ASN B 123 13.43 0.30 12.64
N LYS B 124 12.76 1.40 12.99
CA LYS B 124 12.53 2.48 12.04
C LYS B 124 13.83 3.17 11.60
N ALA B 125 14.79 3.25 12.52
CA ALA B 125 16.04 3.98 12.29
C ALA B 125 17.03 3.27 11.37
N ASN B 126 16.97 1.94 11.30
CA ASN B 126 17.93 1.17 10.50
C ASN B 126 17.31 0.07 9.63
N GLY B 127 16.00 -0.10 9.72
CA GLY B 127 15.27 -1.05 8.87
C GLY B 127 15.45 -2.52 9.23
N LYS B 128 16.20 -2.81 10.29
CA LYS B 128 16.44 -4.19 10.70
CA LYS B 128 16.46 -4.19 10.73
C LYS B 128 15.16 -4.86 11.19
N LEU B 129 15.00 -6.13 10.82
CA LEU B 129 13.79 -6.86 11.14
C LEU B 129 13.76 -7.31 12.61
N ILE B 130 12.74 -6.84 13.33
CA ILE B 130 12.52 -7.26 14.72
C ILE B 130 11.82 -8.62 14.76
N ALA B 131 10.75 -8.73 13.98
CA ALA B 131 9.95 -9.94 13.95
C ALA B 131 9.16 -9.99 12.66
N GLN B 132 8.79 -11.19 12.24
CA GLN B 132 7.87 -11.36 11.12
C GLN B 132 6.81 -12.36 11.52
N GLY B 133 5.56 -12.05 11.20
CA GLY B 133 4.44 -12.92 11.51
C GLY B 133 3.54 -13.17 10.33
N ARG B 134 2.76 -14.23 10.41
CA ARG B 134 1.73 -14.52 9.43
C ARG B 134 0.47 -14.89 10.18
N HIS B 135 -0.66 -14.44 9.64
CA HIS B 135 -1.93 -14.55 10.31
C HIS B 135 -2.96 -15.04 9.31
N THR B 136 -3.62 -16.15 9.64
CA THR B 136 -4.71 -16.68 8.84
C THR B 136 -6.01 -16.50 9.60
N LYS B 137 -7.00 -15.90 8.93
CA LYS B 137 -8.28 -15.65 9.56
C LYS B 137 -9.43 -16.24 8.75
N HIS B 138 -10.46 -16.67 9.46
CA HIS B 138 -11.67 -17.22 8.83
C HIS B 138 -12.70 -16.11 8.69
N LEU B 139 -13.19 -15.92 7.47
CA LEU B 139 -14.13 -14.84 7.17
C LEU B 139 -15.60 -15.23 7.26
N GLY B 140 -15.88 -16.51 7.08
CA GLY B 140 -17.26 -17.01 7.12
C GLY B 140 -17.82 -17.36 5.76
N SER C 3 29.20 -13.55 -6.17
CA SER C 3 30.38 -13.67 -7.08
C SER C 3 30.38 -15.00 -7.86
N LEU C 4 29.79 -16.04 -7.28
CA LEU C 4 29.70 -17.36 -7.90
C LEU C 4 28.88 -17.30 -9.18
N THR C 5 29.37 -17.96 -10.23
CA THR C 5 28.65 -18.02 -11.51
C THR C 5 27.36 -18.83 -11.37
N LEU C 6 26.38 -18.55 -12.21
CA LEU C 6 25.13 -19.31 -12.21
C LEU C 6 25.37 -20.79 -12.53
N ASN C 7 26.31 -21.07 -13.43
CA ASN C 7 26.67 -22.45 -13.75
C ASN C 7 27.19 -23.21 -12.53
N THR C 8 28.03 -22.56 -11.73
CA THR C 8 28.55 -23.15 -10.48
C THR C 8 27.41 -23.52 -9.52
N VAL C 9 26.50 -22.59 -9.30
CA VAL C 9 25.35 -22.84 -8.43
C VAL C 9 24.52 -24.01 -8.97
N LYS C 10 24.25 -24.00 -10.27
CA LYS C 10 23.50 -25.09 -10.93
C LYS C 10 24.14 -26.46 -10.73
N GLN C 11 25.46 -26.51 -10.84
CA GLN C 11 26.21 -27.75 -10.66
C GLN C 11 26.10 -28.26 -9.23
N ILE C 12 26.29 -27.35 -8.27
CA ILE C 12 26.19 -27.68 -6.85
C ILE C 12 24.79 -28.21 -6.53
N PHE C 13 23.76 -27.54 -7.07
CA PHE C 13 22.37 -27.98 -6.87
C PHE C 13 22.14 -29.36 -7.49
N ARG C 14 22.57 -29.54 -8.75
CA ARG C 14 22.45 -30.82 -9.45
C ARG C 14 23.17 -31.94 -8.70
N ALA C 15 24.33 -31.63 -8.15
CA ALA C 15 25.09 -32.59 -7.33
C ALA C 15 24.27 -33.05 -6.12
N MET C 16 23.64 -32.10 -5.45
CA MET C 16 22.83 -32.36 -4.27
C MET C 16 21.55 -33.15 -4.58
N ALA C 17 20.95 -32.88 -5.74
CA ALA C 17 19.73 -33.57 -6.16
C ALA C 17 20.00 -34.95 -6.76
N ASP C 18 21.21 -35.15 -7.28
CA ASP C 18 21.63 -36.44 -7.81
C ASP C 18 22.07 -37.33 -6.64
N SER C 19 21.09 -37.96 -6.01
CA SER C 19 21.31 -38.69 -4.77
C SER C 19 20.26 -39.80 -4.64
N PRO C 20 20.58 -40.88 -3.92
CA PRO C 20 19.53 -41.83 -3.54
C PRO C 20 18.69 -41.31 -2.37
N GLY C 21 19.15 -40.23 -1.74
CA GLY C 21 18.46 -39.60 -0.62
C GLY C 21 17.19 -38.85 -1.03
N PHE C 22 16.53 -38.24 -0.05
CA PHE C 22 15.25 -37.60 -0.28
C PHE C 22 15.32 -36.40 -1.23
N ASP C 23 16.51 -35.81 -1.33
CA ASP C 23 16.74 -34.64 -2.18
C ASP C 23 16.50 -34.92 -3.67
N ARG C 24 16.48 -36.21 -4.03
CA ARG C 24 16.17 -36.67 -5.38
C ARG C 24 14.84 -36.14 -5.90
N VAL C 25 13.90 -35.85 -4.98
CA VAL C 25 12.56 -35.40 -5.38
C VAL C 25 12.59 -33.98 -5.97
N LEU C 26 13.74 -33.31 -5.84
CA LEU C 26 13.90 -31.96 -6.37
C LEU C 26 14.70 -31.93 -7.68
N SER C 27 14.88 -33.09 -8.28
CA SER C 27 15.75 -33.21 -9.47
C SER C 27 15.27 -32.35 -10.65
N LYS C 28 13.96 -32.09 -10.71
CA LYS C 28 13.39 -31.30 -11.80
C LYS C 28 13.43 -29.79 -11.58
N VAL C 29 13.91 -29.37 -10.41
CA VAL C 29 14.05 -27.96 -10.08
C VAL C 29 15.25 -27.35 -10.79
N GLU C 30 15.04 -26.20 -11.43
CA GLU C 30 16.09 -25.45 -12.10
C GLU C 30 16.41 -24.20 -11.28
N VAL C 31 17.69 -23.86 -11.19
CA VAL C 31 18.11 -22.63 -10.52
C VAL C 31 18.12 -21.47 -11.52
N LEU C 32 17.40 -20.40 -11.20
CA LEU C 32 17.32 -19.24 -12.08
C LEU C 32 18.33 -18.15 -11.70
N SER C 33 18.49 -17.92 -10.40
CA SER C 33 19.40 -16.90 -9.90
C SER C 33 19.83 -17.19 -8.47
N ALA C 34 21.05 -16.79 -8.15
CA ALA C 34 21.56 -16.88 -6.78
C ALA C 34 22.45 -15.69 -6.44
N ALA C 35 22.16 -15.10 -5.30
CA ALA C 35 22.97 -14.02 -4.74
C ALA C 35 23.07 -14.29 -3.25
N PRO C 36 24.06 -13.67 -2.56
CA PRO C 36 24.09 -13.81 -1.11
C PRO C 36 22.71 -13.62 -0.49
N GLY C 37 22.26 -14.62 0.25
CA GLY C 37 20.98 -14.57 0.96
C GLY C 37 19.72 -14.60 0.10
N LYS C 38 19.88 -14.79 -1.21
CA LYS C 38 18.71 -14.84 -2.10
C LYS C 38 18.88 -15.82 -3.25
N VAL C 39 17.93 -16.74 -3.38
CA VAL C 39 17.96 -17.76 -4.41
C VAL C 39 16.59 -17.87 -5.05
N VAL C 40 16.56 -17.83 -6.39
CA VAL C 40 15.32 -18.07 -7.12
C VAL C 40 15.46 -19.33 -7.97
N CYS C 41 14.49 -20.23 -7.79
CA CYS C 41 14.41 -21.46 -8.56
C CYS C 41 13.09 -21.53 -9.33
N GLU C 42 13.03 -22.45 -10.29
CA GLU C 42 11.83 -22.68 -11.08
C GLU C 42 11.59 -24.18 -11.23
N MET C 43 10.32 -24.56 -11.32
CA MET C 43 9.94 -25.96 -11.52
C MET C 43 8.61 -26.05 -12.25
N LYS C 44 8.50 -26.98 -13.18
CA LYS C 44 7.21 -27.30 -13.78
C LYS C 44 6.56 -28.40 -12.96
N VAL C 45 5.31 -28.19 -12.57
CA VAL C 45 4.59 -29.19 -11.78
C VAL C 45 4.22 -30.38 -12.66
N GLU C 46 4.72 -31.55 -12.27
CA GLU C 46 4.47 -32.79 -12.99
C GLU C 46 3.79 -33.79 -12.07
N GLU C 47 3.21 -34.86 -12.64
CA GLU C 47 2.44 -35.85 -11.87
C GLU C 47 3.18 -36.32 -10.61
N GLN C 48 4.49 -36.45 -10.72
CA GLN C 48 5.34 -36.91 -9.61
C GLN C 48 5.38 -35.95 -8.41
N HIS C 49 4.99 -34.70 -8.63
CA HIS C 49 4.98 -33.69 -7.58
C HIS C 49 3.61 -33.51 -6.93
N THR C 50 2.62 -34.28 -7.39
CA THR C 50 1.22 -34.01 -7.03
C THR C 50 0.66 -34.87 -5.89
N ASN C 51 -0.36 -34.33 -5.23
CA ASN C 51 -1.22 -35.12 -4.36
C ASN C 51 -2.26 -35.82 -5.23
N ARG C 52 -3.19 -36.55 -4.62
CA ARG C 52 -4.21 -37.25 -5.41
C ARG C 52 -5.24 -36.33 -6.05
N GLY C 53 -5.29 -35.07 -5.61
CA GLY C 53 -6.13 -34.05 -6.24
C GLY C 53 -5.51 -33.43 -7.49
N GLY C 54 -4.34 -33.92 -7.88
CA GLY C 54 -3.67 -33.44 -9.09
C GLY C 54 -2.97 -32.08 -8.95
N THR C 55 -2.89 -31.58 -7.72
CA THR C 55 -2.22 -30.31 -7.45
C THR C 55 -0.92 -30.57 -6.70
N LEU C 56 -0.05 -29.56 -6.66
CA LEU C 56 1.26 -29.68 -6.01
C LEU C 56 1.07 -30.19 -4.58
N HIS C 57 1.75 -31.29 -4.27
CA HIS C 57 1.68 -31.91 -2.95
C HIS C 57 2.24 -30.97 -1.89
N GLY C 58 1.54 -30.87 -0.76
CA GLY C 58 2.01 -30.06 0.37
C GLY C 58 3.39 -30.45 0.88
N GLY C 59 3.71 -31.74 0.79
CA GLY C 59 5.01 -32.27 1.19
C GLY C 59 6.13 -31.86 0.24
N MET C 60 5.79 -31.74 -1.04
CA MET C 60 6.71 -31.24 -2.06
C MET C 60 6.96 -29.74 -1.85
N THR C 61 5.88 -29.00 -1.57
CA THR C 61 6.02 -27.59 -1.22
C THR C 61 6.94 -27.42 -0.03
N ALA C 62 6.73 -28.23 1.00
CA ALA C 62 7.53 -28.18 2.20
C ALA C 62 9.00 -28.45 1.92
N THR C 63 9.25 -29.45 1.07
CA THR C 63 10.60 -29.82 0.69
C THR C 63 11.29 -28.67 -0.07
N LEU C 64 10.54 -28.03 -0.95
CA LEU C 64 11.00 -26.84 -1.69
C LEU C 64 11.37 -25.69 -0.75
N VAL C 65 10.49 -25.41 0.23
CA VAL C 65 10.77 -24.37 1.21
C VAL C 65 12.06 -24.69 1.96
N ASP C 66 12.16 -25.93 2.45
CA ASP C 66 13.32 -26.40 3.20
C ASP C 66 14.62 -26.22 2.40
N MET C 67 14.64 -26.76 1.19
CA MET C 67 15.89 -26.83 0.44
C MET C 67 16.30 -25.53 -0.23
N ILE C 68 15.33 -24.74 -0.68
CA ILE C 68 15.65 -23.45 -1.31
C ILE C 68 16.06 -22.40 -0.27
N SER C 69 15.43 -22.41 0.91
CA SER C 69 15.87 -21.50 1.97
C SER C 69 17.26 -21.87 2.46
N THR C 70 17.52 -23.18 2.55
CA THR C 70 18.85 -23.67 2.91
C THR C 70 19.94 -23.20 1.93
N MET C 71 19.65 -23.24 0.63
CA MET C 71 20.55 -22.69 -0.39
C MET C 71 20.86 -21.21 -0.16
N ALA C 72 19.84 -20.44 0.17
CA ALA C 72 19.99 -18.99 0.41
C ALA C 72 20.79 -18.73 1.68
N ILE C 73 20.54 -19.53 2.71
CA ILE C 73 21.28 -19.46 3.97
C ILE C 73 22.76 -19.81 3.76
N MET C 74 23.00 -20.82 2.93
CA MET C 74 24.34 -21.31 2.60
C MET C 74 25.16 -20.25 1.86
N TYR C 75 24.48 -19.44 1.04
CA TYR C 75 25.15 -18.38 0.28
C TYR C 75 25.43 -17.20 1.20
N SER C 76 26.45 -17.36 2.03
CA SER C 76 26.80 -16.41 3.08
C SER C 76 28.29 -16.48 3.37
N GLU C 77 28.79 -15.51 4.14
CA GLU C 77 30.18 -15.50 4.59
C GLU C 77 30.56 -16.76 5.37
N ARG C 78 29.66 -17.19 6.26
CA ARG C 78 29.87 -18.42 7.02
C ARG C 78 29.77 -19.67 6.14
N GLY C 79 28.76 -19.71 5.27
CA GLY C 79 28.57 -20.82 4.34
C GLY C 79 28.00 -22.09 4.95
N ALA C 80 27.41 -21.97 6.15
CA ALA C 80 26.83 -23.11 6.83
C ALA C 80 25.35 -23.29 6.45
N PRO C 81 24.93 -24.53 6.18
CA PRO C 81 23.53 -24.82 5.87
C PRO C 81 22.63 -24.78 7.09
N GLY C 82 23.17 -25.14 8.26
CA GLY C 82 22.40 -25.20 9.49
C GLY C 82 21.46 -26.40 9.55
N VAL C 83 20.82 -26.56 10.71
CA VAL C 83 19.91 -27.67 10.96
C VAL C 83 18.52 -27.07 11.17
N SER C 84 17.49 -27.65 10.56
CA SER C 84 16.14 -27.12 10.71
C SER C 84 15.70 -27.09 12.18
N VAL C 85 15.07 -25.99 12.57
CA VAL C 85 14.49 -25.86 13.91
C VAL C 85 12.97 -25.71 13.81
N ASP C 86 12.55 -24.76 12.98
CA ASP C 86 11.13 -24.49 12.79
C ASP C 86 10.87 -24.22 11.33
N MET C 87 9.77 -24.77 10.82
CA MET C 87 9.28 -24.40 9.51
C MET C 87 7.77 -24.23 9.57
N ASN C 88 7.27 -23.20 8.89
CA ASN C 88 5.83 -23.04 8.74
C ASN C 88 5.51 -22.70 7.28
N ILE C 89 4.35 -23.12 6.84
CA ILE C 89 3.93 -22.92 5.46
C ILE C 89 2.45 -22.59 5.50
N THR C 90 2.07 -21.55 4.77
CA THR C 90 0.68 -21.23 4.55
C THR C 90 0.38 -21.47 3.07
N TYR C 91 -0.67 -22.23 2.81
CA TYR C 91 -1.07 -22.61 1.46
C TYR C 91 -2.25 -21.75 1.02
N MET C 92 -2.08 -21.03 -0.09
CA MET C 92 -3.06 -20.02 -0.48
C MET C 92 -3.78 -20.26 -1.80
N ASN C 93 -3.03 -20.74 -2.79
CA ASN C 93 -3.58 -21.06 -4.11
C ASN C 93 -2.97 -22.36 -4.59
N ALA C 94 -3.81 -23.23 -5.16
CA ALA C 94 -3.33 -24.52 -5.63
C ALA C 94 -2.48 -24.34 -6.89
N ALA C 95 -1.39 -25.10 -6.98
CA ALA C 95 -0.59 -25.17 -8.19
C ALA C 95 -0.92 -26.46 -8.91
N LYS C 96 -1.41 -26.32 -10.14
CA LYS C 96 -1.88 -27.44 -10.96
C LYS C 96 -0.75 -28.06 -11.78
N ILE C 97 -0.95 -29.33 -12.17
CA ILE C 97 -0.03 -29.99 -13.08
C ILE C 97 0.13 -29.17 -14.36
N GLY C 98 1.38 -29.03 -14.83
CA GLY C 98 1.69 -28.24 -16.01
C GLY C 98 2.06 -26.79 -15.74
N GLU C 99 1.71 -26.30 -14.54
CA GLU C 99 2.05 -24.93 -14.12
C GLU C 99 3.55 -24.81 -13.88
N ASP C 100 4.13 -23.71 -14.37
CA ASP C 100 5.50 -23.36 -14.05
C ASP C 100 5.49 -22.49 -12.79
N ILE C 101 6.21 -22.94 -11.77
CA ILE C 101 6.24 -22.22 -10.50
C ILE C 101 7.62 -21.63 -10.23
N LEU C 102 7.63 -20.49 -9.53
CA LEU C 102 8.87 -19.91 -9.05
C LEU C 102 8.98 -20.10 -7.56
N ILE C 103 10.17 -20.45 -7.09
CA ILE C 103 10.44 -20.59 -5.67
C ILE C 103 11.51 -19.58 -5.28
N THR C 104 11.12 -18.58 -4.50
CA THR C 104 12.00 -17.46 -4.16
C THR C 104 12.29 -17.45 -2.67
N ALA C 105 13.55 -17.71 -2.31
CA ALA C 105 13.99 -17.73 -0.92
C ALA C 105 14.81 -16.49 -0.61
N GLN C 106 14.49 -15.85 0.52
CA GLN C 106 15.20 -14.65 0.95
C GLN C 106 15.60 -14.79 2.42
N VAL C 107 16.89 -14.62 2.71
CA VAL C 107 17.34 -14.59 4.09
C VAL C 107 16.84 -13.32 4.77
N LEU C 108 16.24 -13.48 5.94
CA LEU C 108 15.75 -12.37 6.74
C LEU C 108 16.80 -11.93 7.75
N LYS C 109 17.49 -12.90 8.33
CA LYS C 109 18.60 -12.60 9.25
C LYS C 109 19.55 -13.78 9.35
N GLN C 110 20.85 -13.46 9.34
CA GLN C 110 21.91 -14.42 9.54
C GLN C 110 22.62 -14.02 10.83
N GLY C 111 22.27 -14.70 11.92
CA GLY C 111 22.84 -14.38 13.23
C GLY C 111 24.03 -15.24 13.58
N ARG C 112 24.51 -15.09 14.82
CA ARG C 112 25.62 -15.88 15.33
C ARG C 112 25.34 -17.38 15.32
N THR C 113 24.12 -17.77 15.72
CA THR C 113 23.77 -19.20 15.85
C THR C 113 22.47 -19.57 15.15
N LEU C 114 21.69 -18.57 14.75
CA LEU C 114 20.39 -18.78 14.11
C LEU C 114 20.30 -18.09 12.76
N ALA C 115 19.70 -18.76 11.78
CA ALA C 115 19.41 -18.18 10.48
C ALA C 115 17.92 -18.26 10.19
N PHE C 116 17.38 -17.22 9.55
CA PHE C 116 15.95 -17.11 9.29
C PHE C 116 15.74 -16.76 7.83
N ALA C 117 14.82 -17.46 7.18
CA ALA C 117 14.54 -17.23 5.78
C ALA C 117 13.05 -17.33 5.46
N THR C 118 12.64 -16.58 4.44
CA THR C 118 11.28 -16.68 3.93
C THR C 118 11.32 -17.21 2.50
N VAL C 119 10.24 -17.86 2.09
CA VAL C 119 10.14 -18.47 0.77
C VAL C 119 8.74 -18.22 0.22
N ASP C 120 8.67 -17.71 -1.00
CA ASP C 120 7.41 -17.62 -1.75
C ASP C 120 7.46 -18.59 -2.91
N LEU C 121 6.39 -19.36 -3.08
CA LEU C 121 6.14 -20.10 -4.32
C LEU C 121 5.09 -19.33 -5.07
N THR C 122 5.38 -18.99 -6.32
CA THR C 122 4.43 -18.25 -7.14
C THR C 122 4.24 -18.90 -8.49
N ASN C 123 3.09 -18.67 -9.09
CA ASN C 123 2.88 -19.05 -10.48
C ASN C 123 3.75 -18.11 -11.33
N LYS C 124 4.59 -18.68 -12.18
CA LYS C 124 5.53 -17.87 -12.97
C LYS C 124 4.82 -16.93 -13.95
N ALA C 125 3.72 -17.40 -14.54
CA ALA C 125 3.02 -16.66 -15.61
C ALA C 125 2.20 -15.46 -15.14
N ASN C 126 1.55 -15.58 -13.99
CA ASN C 126 0.68 -14.51 -13.49
C ASN C 126 1.07 -13.95 -12.12
N GLY C 127 2.07 -14.57 -11.49
CA GLY C 127 2.56 -14.10 -10.20
C GLY C 127 1.71 -14.46 -9.00
N LYS C 128 0.64 -15.23 -9.22
CA LYS C 128 -0.24 -15.65 -8.13
CA LYS C 128 -0.25 -15.68 -8.14
C LYS C 128 0.54 -16.42 -7.06
N LEU C 129 0.33 -16.04 -5.81
CA LEU C 129 1.04 -16.65 -4.69
C LEU C 129 0.45 -18.02 -4.33
N ILE C 130 1.26 -19.06 -4.47
CA ILE C 130 0.83 -20.42 -4.19
C ILE C 130 0.94 -20.71 -2.69
N ALA C 131 2.10 -20.42 -2.13
CA ALA C 131 2.36 -20.69 -0.72
C ALA C 131 3.47 -19.79 -0.26
N GLN C 132 3.48 -19.53 1.05
CA GLN C 132 4.56 -18.82 1.69
C GLN C 132 5.02 -19.57 2.92
N GLY C 133 6.33 -19.70 3.05
CA GLY C 133 6.93 -20.43 4.15
C GLY C 133 7.98 -19.61 4.85
N ARG C 134 8.23 -19.94 6.12
CA ARG C 134 9.35 -19.36 6.86
C ARG C 134 10.11 -20.51 7.50
N HIS C 135 11.43 -20.37 7.55
CA HIS C 135 12.30 -21.46 7.98
C HIS C 135 13.37 -20.89 8.90
N THR C 136 13.46 -21.45 10.11
CA THR C 136 14.49 -21.06 11.08
C THR C 136 15.46 -22.23 11.23
N LYS C 137 16.74 -21.93 11.10
CA LYS C 137 17.79 -22.95 11.20
C LYS C 137 18.83 -22.60 12.25
N HIS C 138 19.33 -23.64 12.94
CA HIS C 138 20.39 -23.48 13.94
C HIS C 138 21.75 -23.78 13.32
N LEU C 139 22.65 -22.82 13.45
CA LEU C 139 23.98 -22.90 12.86
C LEU C 139 25.03 -23.31 13.90
N GLY C 140 24.78 -22.95 15.15
CA GLY C 140 25.71 -23.20 16.25
C GLY C 140 26.96 -22.33 16.19
N SER D 3 -27.64 17.04 11.88
CA SER D 3 -27.41 16.97 10.39
C SER D 3 -28.72 16.76 9.63
N LEU D 4 -28.72 17.13 8.35
CA LEU D 4 -29.93 17.11 7.52
C LEU D 4 -30.27 15.72 7.00
N THR D 5 -31.57 15.46 6.85
CA THR D 5 -32.04 14.21 6.24
C THR D 5 -31.69 14.19 4.76
N LEU D 6 -31.55 13.00 4.20
CA LEU D 6 -31.27 12.82 2.77
C LEU D 6 -32.33 13.50 1.90
N ASN D 7 -33.60 13.36 2.28
CA ASN D 7 -34.71 14.01 1.58
C ASN D 7 -34.55 15.52 1.43
N THR D 8 -34.08 16.17 2.51
CA THR D 8 -33.82 17.61 2.50
C THR D 8 -32.75 17.96 1.48
N VAL D 9 -31.63 17.24 1.51
CA VAL D 9 -30.54 17.44 0.56
C VAL D 9 -31.01 17.20 -0.87
N LYS D 10 -31.81 16.16 -1.07
CA LYS D 10 -32.36 15.86 -2.38
C LYS D 10 -33.24 16.99 -2.93
N GLN D 11 -34.06 17.58 -2.06
CA GLN D 11 -34.91 18.70 -2.44
C GLN D 11 -34.10 19.94 -2.82
N ILE D 12 -33.05 20.21 -2.04
CA ILE D 12 -32.15 21.33 -2.31
C ILE D 12 -31.46 21.13 -3.65
N PHE D 13 -30.96 19.92 -3.89
CA PHE D 13 -30.30 19.61 -5.15
C PHE D 13 -31.27 19.72 -6.33
N ARG D 14 -32.48 19.17 -6.17
CA ARG D 14 -33.50 19.23 -7.22
C ARG D 14 -33.87 20.67 -7.58
N ALA D 15 -33.97 21.53 -6.57
CA ALA D 15 -34.23 22.95 -6.77
C ALA D 15 -33.10 23.62 -7.57
N MET D 16 -31.85 23.26 -7.25
CA MET D 16 -30.67 23.74 -7.97
C MET D 16 -30.72 23.40 -9.46
N ALA D 17 -31.14 22.16 -9.76
CA ALA D 17 -31.10 21.64 -11.12
C ALA D 17 -32.31 22.01 -11.96
N ASP D 18 -33.45 22.27 -11.31
CA ASP D 18 -34.66 22.69 -12.01
C ASP D 18 -34.55 24.18 -12.32
N SER D 19 -33.76 24.50 -13.34
CA SER D 19 -33.35 25.87 -13.65
C SER D 19 -33.21 26.07 -15.16
N PRO D 20 -33.42 27.32 -15.63
CA PRO D 20 -33.09 27.63 -17.03
C PRO D 20 -31.57 27.78 -17.23
N GLY D 21 -30.83 27.92 -16.14
CA GLY D 21 -29.38 28.09 -16.18
C GLY D 21 -28.65 26.80 -16.51
N PHE D 22 -27.33 26.87 -16.54
CA PHE D 22 -26.49 25.73 -16.93
C PHE D 22 -26.62 24.52 -16.00
N ASP D 23 -26.99 24.75 -14.75
CA ASP D 23 -27.16 23.66 -13.76
C ASP D 23 -28.20 22.62 -14.18
N ARG D 24 -29.04 22.98 -15.14
CA ARG D 24 -30.02 22.07 -15.74
C ARG D 24 -29.40 20.77 -16.27
N VAL D 25 -28.14 20.84 -16.73
CA VAL D 25 -27.46 19.66 -17.28
C VAL D 25 -27.23 18.56 -16.24
N LEU D 26 -27.41 18.91 -14.96
CA LEU D 26 -27.27 17.95 -13.85
C LEU D 26 -28.61 17.39 -13.34
N SER D 27 -29.68 17.59 -14.10
CA SER D 27 -31.03 17.21 -13.66
C SER D 27 -31.19 15.70 -13.41
N LYS D 28 -30.37 14.89 -14.09
CA LYS D 28 -30.45 13.42 -13.94
C LYS D 28 -29.67 12.87 -12.74
N VAL D 29 -28.86 13.73 -12.13
CA VAL D 29 -28.04 13.35 -10.97
C VAL D 29 -28.91 13.12 -9.72
N GLU D 30 -28.61 12.04 -9.01
CA GLU D 30 -29.31 11.71 -7.76
C GLU D 30 -28.32 11.80 -6.60
N VAL D 31 -28.79 12.32 -5.47
CA VAL D 31 -27.94 12.36 -4.28
C VAL D 31 -28.13 11.07 -3.48
N LEU D 32 -27.01 10.41 -3.20
CA LEU D 32 -27.00 9.16 -2.43
C LEU D 32 -26.75 9.40 -0.96
N SER D 33 -25.81 10.29 -0.65
CA SER D 33 -25.50 10.64 0.73
C SER D 33 -24.89 12.02 0.84
N ALA D 34 -25.06 12.62 2.01
CA ALA D 34 -24.47 13.91 2.32
C ALA D 34 -24.12 13.96 3.79
N ALA D 35 -22.88 14.37 4.05
CA ALA D 35 -22.37 14.62 5.39
C ALA D 35 -21.55 15.90 5.29
N PRO D 36 -21.28 16.57 6.43
CA PRO D 36 -20.37 17.71 6.38
C PRO D 36 -19.09 17.38 5.62
N GLY D 37 -18.82 18.16 4.58
CA GLY D 37 -17.62 18.00 3.78
C GLY D 37 -17.60 16.82 2.83
N LYS D 38 -18.70 16.07 2.75
CA LYS D 38 -18.74 14.86 1.90
C LYS D 38 -20.10 14.58 1.27
N VAL D 39 -20.11 14.53 -0.05
CA VAL D 39 -21.34 14.28 -0.80
C VAL D 39 -21.09 13.19 -1.83
N VAL D 40 -22.00 12.22 -1.87
CA VAL D 40 -21.95 11.19 -2.89
C VAL D 40 -23.20 11.27 -3.75
N CYS D 41 -22.98 11.41 -5.06
CA CYS D 41 -24.09 11.41 -6.01
C CYS D 41 -23.95 10.26 -7.00
N GLU D 42 -25.04 9.96 -7.71
CA GLU D 42 -25.06 8.91 -8.71
C GLU D 42 -25.73 9.42 -9.99
N MET D 43 -25.28 8.91 -11.13
CA MET D 43 -25.87 9.26 -12.41
C MET D 43 -25.72 8.13 -13.42
N LYS D 44 -26.78 7.89 -14.18
CA LYS D 44 -26.71 6.99 -15.32
C LYS D 44 -26.33 7.82 -16.54
N VAL D 45 -25.25 7.42 -17.20
CA VAL D 45 -24.80 8.15 -18.40
C VAL D 45 -25.77 7.91 -19.55
N GLU D 46 -26.39 8.99 -20.01
CA GLU D 46 -27.33 8.94 -21.13
C GLU D 46 -26.74 9.74 -22.30
N GLU D 47 -27.39 9.64 -23.47
CA GLU D 47 -26.93 10.34 -24.68
C GLU D 47 -26.64 11.84 -24.46
N GLN D 48 -27.51 12.51 -23.71
CA GLN D 48 -27.35 13.95 -23.40
C GLN D 48 -26.07 14.29 -22.65
N HIS D 49 -25.46 13.29 -22.02
CA HIS D 49 -24.25 13.50 -21.23
C HIS D 49 -22.98 13.21 -22.01
N THR D 50 -23.10 12.83 -23.28
CA THR D 50 -21.98 12.24 -24.01
C THR D 50 -21.33 13.15 -25.05
N ASN D 51 -20.09 12.80 -25.39
CA ASN D 51 -19.36 13.41 -26.50
C ASN D 51 -19.74 12.74 -27.81
N ARG D 52 -19.03 13.08 -28.89
CA ARG D 52 -19.26 12.47 -30.20
C ARG D 52 -19.10 10.94 -30.17
N GLY D 53 -18.10 10.45 -29.44
CA GLY D 53 -17.84 9.02 -29.33
C GLY D 53 -18.82 8.23 -28.48
N GLY D 54 -19.79 8.91 -27.86
CA GLY D 54 -20.79 8.24 -27.05
C GLY D 54 -20.29 7.84 -25.67
N THR D 55 -19.27 8.54 -25.18
CA THR D 55 -18.79 8.39 -23.80
C THR D 55 -19.01 9.69 -23.03
N LEU D 56 -19.00 9.62 -21.69
CA LEU D 56 -19.22 10.80 -20.84
C LEU D 56 -18.35 11.98 -21.28
N HIS D 57 -19.01 13.10 -21.59
CA HIS D 57 -18.33 14.29 -22.08
C HIS D 57 -17.45 14.89 -20.99
N GLY D 58 -16.25 15.33 -21.38
CA GLY D 58 -15.30 15.94 -20.46
C GLY D 58 -15.86 17.17 -19.76
N GLY D 59 -16.70 17.91 -20.48
CA GLY D 59 -17.38 19.09 -19.95
C GLY D 59 -18.46 18.76 -18.94
N MET D 60 -19.14 17.63 -19.15
CA MET D 60 -20.10 17.10 -18.17
C MET D 60 -19.40 16.66 -16.89
N THR D 61 -18.28 15.94 -17.05
CA THR D 61 -17.42 15.57 -15.92
C THR D 61 -16.99 16.81 -15.16
N ALA D 62 -16.56 17.84 -15.90
CA ALA D 62 -16.14 19.09 -15.29
C ALA D 62 -17.27 19.76 -14.51
N THR D 63 -18.46 19.77 -15.09
CA THR D 63 -19.63 20.35 -14.42
C THR D 63 -19.96 19.58 -13.15
N LEU D 64 -19.86 18.25 -13.21
CA LEU D 64 -20.08 17.40 -12.04
C LEU D 64 -19.07 17.71 -10.93
N VAL D 65 -17.79 17.76 -11.28
CA VAL D 65 -16.73 18.09 -10.32
C VAL D 65 -17.02 19.43 -9.66
N ASP D 66 -17.31 20.44 -10.48
CA ASP D 66 -17.62 21.79 -10.02
C ASP D 66 -18.77 21.79 -9.01
N MET D 67 -19.88 21.17 -9.39
CA MET D 67 -21.09 21.28 -8.60
C MET D 67 -21.16 20.38 -7.38
N ILE D 68 -20.68 19.15 -7.50
CA ILE D 68 -20.71 18.22 -6.37
C ILE D 68 -19.70 18.65 -5.30
N SER D 69 -18.55 19.18 -5.72
CA SER D 69 -17.59 19.72 -4.75
C SER D 69 -18.16 20.96 -4.06
N THR D 70 -18.87 21.80 -4.82
CA THR D 70 -19.56 22.95 -4.24
C THR D 70 -20.55 22.51 -3.16
N MET D 71 -21.36 21.49 -3.47
CA MET D 71 -22.27 20.90 -2.48
C MET D 71 -21.57 20.49 -1.18
N ALA D 72 -20.41 19.83 -1.29
CA ALA D 72 -19.68 19.38 -0.11
C ALA D 72 -19.09 20.55 0.67
N ILE D 73 -18.58 21.53 -0.06
CA ILE D 73 -18.01 22.74 0.55
C ILE D 73 -19.10 23.50 1.34
N MET D 74 -20.30 23.52 0.78
CA MET D 74 -21.46 24.19 1.40
C MET D 74 -21.93 23.51 2.67
N TYR D 75 -21.72 22.19 2.76
CA TYR D 75 -22.14 21.44 3.93
C TYR D 75 -21.05 21.59 4.99
N SER D 76 -21.07 22.75 5.63
CA SER D 76 -20.04 23.16 6.58
C SER D 76 -20.62 24.13 7.60
N GLU D 77 -19.84 24.43 8.64
CA GLU D 77 -20.21 25.42 9.65
C GLU D 77 -20.53 26.77 9.00
N ARG D 78 -19.68 27.20 8.08
CA ARG D 78 -19.85 28.47 7.38
C ARG D 78 -21.02 28.42 6.39
N GLY D 79 -21.13 27.32 5.64
CA GLY D 79 -22.21 27.15 4.68
C GLY D 79 -22.10 27.98 3.41
N ALA D 80 -20.92 28.55 3.16
CA ALA D 80 -20.68 29.36 1.95
C ALA D 80 -20.25 28.47 0.77
N PRO D 81 -20.84 28.70 -0.41
CA PRO D 81 -20.46 27.94 -1.60
C PRO D 81 -19.10 28.38 -2.16
N GLY D 82 -18.79 29.67 -2.04
CA GLY D 82 -17.57 30.23 -2.62
C GLY D 82 -17.66 30.41 -4.12
N VAL D 83 -16.61 30.98 -4.71
CA VAL D 83 -16.51 31.18 -6.15
C VAL D 83 -15.29 30.41 -6.65
N SER D 84 -15.41 29.74 -7.79
CA SER D 84 -14.30 28.97 -8.35
C SER D 84 -13.06 29.82 -8.57
N VAL D 85 -11.91 29.27 -8.17
CA VAL D 85 -10.61 29.88 -8.44
C VAL D 85 -9.81 29.02 -9.41
N ASP D 86 -9.66 27.74 -9.05
CA ASP D 86 -8.91 26.78 -9.85
C ASP D 86 -9.64 25.45 -9.87
N MET D 87 -9.68 24.81 -11.03
CA MET D 87 -10.18 23.44 -11.11
C MET D 87 -9.28 22.64 -12.03
N ASN D 88 -8.98 21.41 -11.64
CA ASN D 88 -8.25 20.52 -12.53
C ASN D 88 -8.94 19.18 -12.57
N ILE D 89 -8.89 18.52 -13.73
CA ILE D 89 -9.49 17.19 -13.88
C ILE D 89 -8.49 16.32 -14.63
N THR D 90 -8.30 15.10 -14.16
CA THR D 90 -7.53 14.11 -14.87
C THR D 90 -8.50 12.99 -15.28
N TYR D 91 -8.45 12.64 -16.57
CA TYR D 91 -9.35 11.66 -17.15
C TYR D 91 -8.61 10.34 -17.34
N MET D 92 -9.16 9.26 -16.77
CA MET D 92 -8.44 8.00 -16.71
C MET D 92 -9.13 6.84 -17.41
N ASN D 93 -10.45 6.77 -17.31
CA ASN D 93 -11.22 5.73 -17.97
C ASN D 93 -12.48 6.31 -18.59
N ALA D 94 -12.88 5.81 -19.75
CA ALA D 94 -14.11 6.27 -20.37
C ALA D 94 -15.32 5.67 -19.65
N ALA D 95 -16.40 6.44 -19.56
CA ALA D 95 -17.67 5.91 -19.09
C ALA D 95 -18.64 5.94 -20.26
N LYS D 96 -19.17 4.77 -20.60
CA LYS D 96 -20.06 4.64 -21.75
C LYS D 96 -21.52 4.88 -21.37
N ILE D 97 -22.37 5.03 -22.40
CA ILE D 97 -23.81 5.14 -22.22
C ILE D 97 -24.35 3.92 -21.48
N GLY D 98 -25.26 4.16 -20.53
CA GLY D 98 -25.90 3.08 -19.78
C GLY D 98 -25.19 2.75 -18.49
N GLU D 99 -23.95 3.20 -18.36
CA GLU D 99 -23.17 2.90 -17.16
C GLU D 99 -23.55 3.83 -16.01
N ASP D 100 -23.64 3.27 -14.81
CA ASP D 100 -23.95 4.05 -13.61
C ASP D 100 -22.65 4.52 -12.97
N ILE D 101 -22.59 5.81 -12.70
CA ILE D 101 -21.41 6.42 -12.11
C ILE D 101 -21.70 6.98 -10.74
N LEU D 102 -20.68 6.90 -9.88
CA LEU D 102 -20.71 7.58 -8.60
C LEU D 102 -19.83 8.80 -8.67
N ILE D 103 -20.32 9.90 -8.12
CA ILE D 103 -19.53 11.12 -7.99
C ILE D 103 -19.35 11.44 -6.52
N THR D 104 -18.12 11.32 -6.04
CA THR D 104 -17.80 11.45 -4.62
C THR D 104 -16.92 12.67 -4.41
N ALA D 105 -17.45 13.63 -3.65
CA ALA D 105 -16.74 14.87 -3.37
C ALA D 105 -16.39 14.93 -1.89
N GLN D 106 -15.12 15.21 -1.61
CA GLN D 106 -14.62 15.31 -0.24
C GLN D 106 -13.87 16.63 -0.04
N VAL D 107 -14.27 17.37 0.99
CA VAL D 107 -13.56 18.59 1.34
C VAL D 107 -12.22 18.24 1.98
N LEU D 108 -11.15 18.82 1.46
CA LEU D 108 -9.79 18.62 1.97
C LEU D 108 -9.44 19.62 3.07
N LYS D 109 -9.92 20.86 2.92
CA LYS D 109 -9.71 21.90 3.92
C LYS D 109 -10.69 23.05 3.71
N GLN D 110 -11.20 23.57 4.83
CA GLN D 110 -11.99 24.80 4.88
C GLN D 110 -11.14 25.82 5.60
N GLY D 111 -10.57 26.77 4.87
CA GLY D 111 -9.75 27.81 5.46
C GLY D 111 -10.60 29.03 5.73
N ARG D 112 -9.98 30.10 6.22
CA ARG D 112 -10.69 31.35 6.47
C ARG D 112 -11.20 32.00 5.19
N THR D 113 -10.49 31.84 4.09
CA THR D 113 -10.87 32.49 2.84
C THR D 113 -10.94 31.53 1.65
N LEU D 114 -10.35 30.34 1.79
CA LEU D 114 -10.27 29.36 0.70
C LEU D 114 -10.82 28.00 1.12
N ALA D 115 -11.51 27.34 0.20
CA ALA D 115 -11.95 25.95 0.39
C ALA D 115 -11.37 25.07 -0.72
N PHE D 116 -11.02 23.84 -0.36
CA PHE D 116 -10.41 22.91 -1.29
C PHE D 116 -11.17 21.59 -1.23
N ALA D 117 -11.49 21.01 -2.38
CA ALA D 117 -12.17 19.72 -2.42
C ALA D 117 -11.67 18.84 -3.54
N THR D 118 -11.75 17.53 -3.32
CA THR D 118 -11.42 16.55 -4.33
C THR D 118 -12.67 15.79 -4.72
N VAL D 119 -12.72 15.34 -5.98
CA VAL D 119 -13.88 14.62 -6.49
C VAL D 119 -13.40 13.42 -7.30
N ASP D 120 -13.94 12.24 -6.98
CA ASP D 120 -13.75 11.04 -7.78
C ASP D 120 -15.04 10.70 -8.51
N LEU D 121 -14.90 10.40 -9.80
CA LEU D 121 -15.98 9.81 -10.58
C LEU D 121 -15.60 8.35 -10.77
N THR D 122 -16.49 7.44 -10.41
CA THR D 122 -16.21 6.01 -10.52
C THR D 122 -17.37 5.27 -11.14
N ASN D 123 -17.07 4.15 -11.80
CA ASN D 123 -18.12 3.24 -12.24
C ASN D 123 -18.72 2.55 -11.02
N LYS D 124 -20.03 2.70 -10.83
CA LYS D 124 -20.69 2.17 -9.63
C LYS D 124 -20.52 0.66 -9.46
N ALA D 125 -20.56 -0.07 -10.58
CA ALA D 125 -20.60 -1.54 -10.55
C ALA D 125 -19.27 -2.18 -10.18
N ASN D 126 -18.18 -1.68 -10.76
CA ASN D 126 -16.85 -2.26 -10.54
C ASN D 126 -15.85 -1.31 -9.88
N GLY D 127 -16.29 -0.10 -9.55
CA GLY D 127 -15.45 0.88 -8.86
C GLY D 127 -14.32 1.49 -9.69
N LYS D 128 -14.31 1.22 -10.99
CA LYS D 128 -13.28 1.75 -11.89
CA LYS D 128 -13.31 1.75 -11.93
C LYS D 128 -13.26 3.27 -11.88
N LEU D 129 -12.08 3.84 -11.70
CA LEU D 129 -11.92 5.30 -11.65
C LEU D 129 -12.01 5.93 -13.03
N ILE D 130 -13.02 6.76 -13.21
CA ILE D 130 -13.25 7.46 -14.47
C ILE D 130 -12.41 8.74 -14.54
N ALA D 131 -12.49 9.55 -13.49
CA ALA D 131 -11.82 10.83 -13.44
C ALA D 131 -11.63 11.28 -12.01
N GLN D 132 -10.63 12.13 -11.80
CA GLN D 132 -10.44 12.77 -10.51
C GLN D 132 -10.20 14.23 -10.75
N GLY D 133 -10.86 15.05 -9.94
CA GLY D 133 -10.69 16.50 -10.01
C GLY D 133 -10.41 17.11 -8.66
N ARG D 134 -9.81 18.29 -8.68
CA ARG D 134 -9.60 19.08 -7.47
C ARG D 134 -10.12 20.48 -7.75
N HIS D 135 -10.71 21.10 -6.74
CA HIS D 135 -11.40 22.35 -6.92
C HIS D 135 -11.03 23.25 -5.76
N THR D 136 -10.52 24.43 -6.08
CA THR D 136 -10.24 25.46 -5.10
C THR D 136 -11.23 26.61 -5.29
N LYS D 137 -11.86 27.00 -4.18
CA LYS D 137 -12.85 28.08 -4.21
C LYS D 137 -12.51 29.19 -3.22
N HIS D 138 -12.85 30.41 -3.60
CA HIS D 138 -12.64 31.58 -2.77
C HIS D 138 -13.91 31.88 -1.99
N LEU D 139 -13.79 31.88 -0.66
CA LEU D 139 -14.92 32.19 0.22
C LEU D 139 -14.82 33.62 0.71
N GLY D 140 -13.60 34.14 0.80
CA GLY D 140 -13.34 35.47 1.36
C GLY D 140 -13.36 35.44 2.88
#